data_7F6M
#
_entry.id   7F6M
#
_cell.length_a   87.751
_cell.length_b   82.337
_cell.length_c   49.743
_cell.angle_alpha   90.000
_cell.angle_beta   94.690
_cell.angle_gamma   90.000
#
_symmetry.space_group_name_H-M   'C 1 2 1'
#
loop_
_entity.id
_entity.type
_entity.pdbx_description
1 polymer 'Adenomatous polyposis coli protein'
2 polymer 'MAI-516 inhibitor'
3 non-polymer GLYCEROL
4 non-polymer 'SULFATE ION'
5 non-polymer DI(HYDROXYETHYL)ETHER
6 water water
#
loop_
_entity_poly.entity_id
_entity_poly.type
_entity_poly.pdbx_seq_one_letter_code
_entity_poly.pdbx_strand_id
1 'polypeptide(L)'
;GHHHHHHMLHLLEQIRAYCETCWEWQEAHEPGMDQDKNPMPAPVEHQICPAVCVLMKLSFDEEHRHAMNELGGLQAIAEL
LQVDCEMYGLTNDHYSITLRRYAGMALTNLTFGDVANKATLCSMKGCMRALVAQLKSESEDLQQVIASVLRNLSWRADVN
SKKTLREVGSVKALMECALEVKKESTLKSVLSALWNLSAHCTENKADICAVDGALAFLVGTLTYRSQTNTLAIIESGGGI
LRNVSSLIATNEDHRQILRENNCLQTLLQHLKSHSLTIVSNACGTLWNLSARNPKDQEALWDMGAVSMLKNLIHSKHKMI
AMGSAAALRNLMANRPAKYKDANIMSPGSSLPS
;
A
2 'polypeptide(L)' (ANN)AGESLYE(NH2) B
#
loop_
_chem_comp.id
_chem_comp.type
_chem_comp.name
_chem_comp.formula
ANN non-polymer '4-METHOXYBENZOIC ACID' 'C8 H8 O3'
GOL non-polymer GLYCEROL 'C3 H8 O3'
NH2 non-polymer 'AMINO GROUP' 'H2 N'
PEG non-polymer DI(HYDROXYETHYL)ETHER 'C4 H10 O3'
SO4 non-polymer 'SULFATE ION' 'O4 S -2'
#
# COMPACT_ATOMS: atom_id res chain seq x y z
N GLY A 1 29.12 1.38 -33.12
CA GLY A 1 28.41 2.16 -34.18
C GLY A 1 27.08 2.72 -33.72
N HIS A 2 26.10 2.74 -34.63
CA HIS A 2 24.73 3.17 -34.32
C HIS A 2 24.06 2.05 -33.51
N HIS A 3 24.21 2.12 -32.19
CA HIS A 3 24.05 0.97 -31.29
C HIS A 3 22.95 1.11 -30.23
N HIS A 4 22.07 2.11 -30.40
CA HIS A 4 21.23 2.62 -29.30
C HIS A 4 20.10 1.67 -28.88
N HIS A 5 19.28 2.14 -27.94
CA HIS A 5 18.07 1.43 -27.51
C HIS A 5 17.00 1.47 -28.61
N HIS A 6 17.28 0.78 -29.71
CA HIS A 6 16.36 0.66 -30.85
C HIS A 6 15.53 -0.60 -30.74
N HIS A 7 16.06 -1.62 -30.05
CA HIS A 7 15.27 -2.77 -29.64
C HIS A 7 14.22 -2.36 -28.62
N MET A 8 14.61 -1.52 -27.66
CA MET A 8 13.65 -0.93 -26.71
C MET A 8 12.60 -0.10 -27.42
N LEU A 9 13.05 0.76 -28.35
CA LEU A 9 12.15 1.52 -29.22
C LEU A 9 11.16 0.62 -29.93
N HIS A 10 11.68 -0.47 -30.54
CA HIS A 10 10.84 -1.45 -31.23
C HIS A 10 9.80 -2.05 -30.28
N LEU A 11 10.22 -2.40 -29.08
CA LEU A 11 9.33 -2.96 -28.05
C LEU A 11 8.29 -1.95 -27.57
N LEU A 12 8.70 -0.68 -27.42
CA LEU A 12 7.77 0.41 -27.10
C LEU A 12 6.80 0.67 -28.26
N GLU A 13 7.34 0.71 -29.47
CA GLU A 13 6.55 0.84 -30.70
C GLU A 13 5.50 -0.25 -30.86
N GLN A 14 5.83 -1.49 -30.49
CA GLN A 14 4.86 -2.59 -30.45
C GLN A 14 3.69 -2.27 -29.52
N ILE A 15 4.02 -1.79 -28.32
CA ILE A 15 3.03 -1.51 -27.29
C ILE A 15 2.17 -0.30 -27.66
N ARG A 16 2.79 0.74 -28.22
CA ARG A 16 2.05 1.93 -28.69
C ARG A 16 1.11 1.59 -29.84
N ALA A 17 1.57 0.74 -30.77
CA ALA A 17 0.73 0.30 -31.89
C ALA A 17 -0.44 -0.56 -31.43
N TYR A 18 -0.22 -1.44 -30.44
CA TYR A 18 -1.33 -2.19 -29.84
C TYR A 18 -2.29 -1.29 -29.06
N CYS A 19 -1.72 -0.37 -28.28
CA CYS A 19 -2.54 0.65 -27.61
C CYS A 19 -3.41 1.42 -28.59
N GLU A 20 -2.80 1.84 -29.70
CA GLU A 20 -3.52 2.51 -30.78
C GLU A 20 -4.66 1.65 -31.32
N THR A 21 -4.37 0.39 -31.63
CA THR A 21 -5.36 -0.59 -32.07
C THR A 21 -6.55 -0.62 -31.10
N CYS A 22 -6.28 -0.70 -29.81
CA CYS A 22 -7.32 -0.76 -28.78
C CYS A 22 -8.18 0.50 -28.70
N TRP A 23 -7.53 1.67 -28.78
CA TRP A 23 -8.25 2.93 -28.73
C TRP A 23 -9.09 3.21 -29.97
N GLU A 24 -8.72 2.64 -31.12
CA GLU A 24 -9.59 2.66 -32.29
C GLU A 24 -10.88 1.91 -32.00
N TRP A 25 -10.77 0.75 -31.36
CA TRP A 25 -11.96 -0.05 -31.00
C TRP A 25 -12.90 0.71 -30.05
N GLN A 26 -12.36 1.32 -29.00
CA GLN A 26 -13.20 2.00 -27.99
C GLN A 26 -13.65 3.42 -28.37
N GLU A 27 -12.92 4.09 -29.27
CA GLU A 27 -13.45 5.27 -29.97
C GLU A 27 -14.67 4.89 -30.80
N ALA A 28 -14.56 3.78 -31.52
CA ALA A 28 -15.63 3.29 -32.39
C ALA A 28 -16.76 2.58 -31.64
N HIS A 29 -16.50 2.16 -30.41
CA HIS A 29 -17.50 1.48 -29.57
C HIS A 29 -18.77 2.33 -29.42
N GLU A 30 -19.76 2.02 -30.25
CA GLU A 30 -21.09 2.64 -30.15
C GLU A 30 -21.70 2.28 -28.80
N PRO A 31 -21.95 3.30 -27.93
CA PRO A 31 -22.40 3.09 -26.56
C PRO A 31 -23.42 1.96 -26.38
N GLY A 32 -23.13 1.07 -25.45
CA GLY A 32 -23.96 -0.10 -25.20
C GLY A 32 -23.75 -1.18 -26.23
N MET A 33 -24.75 -1.37 -27.09
CA MET A 33 -24.71 -2.41 -28.11
C MET A 33 -23.89 -1.90 -29.28
N ASP A 34 -22.59 -2.23 -29.27
CA ASP A 34 -21.68 -1.83 -30.34
C ASP A 34 -22.14 -2.50 -31.64
N GLN A 35 -22.24 -3.83 -31.61
CA GLN A 35 -22.84 -4.64 -32.67
C GLN A 35 -22.79 -6.14 -32.31
N ASP A 36 -23.47 -6.95 -33.12
CA ASP A 36 -23.53 -8.41 -32.93
C ASP A 36 -22.18 -9.13 -33.08
N LYS A 37 -21.27 -8.55 -33.86
CA LYS A 37 -19.91 -9.07 -34.09
C LYS A 37 -19.14 -9.50 -32.82
N ASN A 38 -19.23 -8.70 -31.76
CA ASN A 38 -18.37 -8.76 -30.54
C ASN A 38 -16.89 -9.24 -30.67
N PRO A 39 -16.01 -8.41 -31.27
CA PRO A 39 -14.57 -8.64 -31.24
C PRO A 39 -13.74 -7.40 -30.86
N MET A 40 -13.21 -7.38 -29.63
CA MET A 40 -12.22 -6.38 -29.24
C MET A 40 -10.88 -6.92 -29.73
N PRO A 41 -9.87 -6.04 -29.88
CA PRO A 41 -8.51 -6.57 -30.14
C PRO A 41 -8.04 -7.47 -29.00
N ALA A 42 -7.58 -8.68 -29.34
CA ALA A 42 -7.06 -9.63 -28.36
C ALA A 42 -5.56 -9.47 -28.25
N PRO A 43 -5.03 -9.23 -27.02
CA PRO A 43 -3.59 -8.99 -26.88
C PRO A 43 -2.69 -10.18 -27.29
N VAL A 44 -3.20 -11.41 -27.21
CA VAL A 44 -2.45 -12.59 -27.68
C VAL A 44 -2.13 -12.55 -29.18
N GLU A 45 -3.06 -12.05 -29.97
CA GLU A 45 -2.90 -11.98 -31.43
C GLU A 45 -1.87 -10.93 -31.86
N HIS A 46 -1.56 -9.98 -30.97
CA HIS A 46 -0.48 -8.99 -31.19
C HIS A 46 0.85 -9.33 -30.49
N GLN A 47 0.89 -10.45 -29.76
CA GLN A 47 2.08 -10.92 -29.04
C GLN A 47 2.65 -9.86 -28.10
N ILE A 48 1.78 -9.36 -27.24
CA ILE A 48 2.10 -8.22 -26.36
C ILE A 48 2.85 -8.66 -25.08
N CYS A 49 2.44 -9.79 -24.49
CA CYS A 49 3.10 -10.28 -23.27
C CYS A 49 4.62 -10.36 -23.37
N PRO A 50 5.15 -11.01 -24.44
CA PRO A 50 6.62 -11.05 -24.62
C PRO A 50 7.29 -9.68 -24.69
N ALA A 51 6.63 -8.73 -25.35
CA ALA A 51 7.14 -7.36 -25.45
C ALA A 51 7.18 -6.68 -24.08
N VAL A 52 6.06 -6.70 -23.37
CA VAL A 52 6.00 -6.07 -22.04
C VAL A 52 6.86 -6.84 -21.02
N CYS A 53 6.97 -8.16 -21.17
CA CYS A 53 7.85 -8.98 -20.34
C CYS A 53 9.32 -8.57 -20.46
N VAL A 54 9.77 -8.30 -21.69
CA VAL A 54 11.15 -7.81 -21.92
C VAL A 54 11.38 -6.42 -21.30
N LEU A 55 10.44 -5.50 -21.46
CA LEU A 55 10.56 -4.16 -20.86
C LEU A 55 10.57 -4.20 -19.34
N MET A 56 9.76 -5.09 -18.77
CA MET A 56 9.74 -5.37 -17.33
C MET A 56 11.12 -5.80 -16.79
N LYS A 57 11.76 -6.74 -17.49
CA LYS A 57 13.10 -7.23 -17.10
C LYS A 57 14.18 -6.17 -17.25
N LEU A 58 14.12 -5.42 -18.35
CA LEU A 58 15.01 -4.27 -18.56
C LEU A 58 14.84 -3.18 -17.50
N SER A 59 13.63 -3.04 -16.96
CA SER A 59 13.34 -2.01 -15.95
C SER A 59 14.00 -2.24 -14.57
N PHE A 60 14.59 -3.40 -14.32
CA PHE A 60 15.37 -3.62 -13.09
C PHE A 60 16.72 -2.90 -13.11
N ASP A 61 17.25 -2.62 -14.30
CA ASP A 61 18.52 -1.92 -14.46
C ASP A 61 18.27 -0.42 -14.62
N GLU A 62 19.14 0.40 -14.01
CA GLU A 62 18.97 1.86 -14.01
C GLU A 62 19.27 2.51 -15.36
N GLU A 63 20.26 1.99 -16.09
CA GLU A 63 20.65 2.57 -17.39
C GLU A 63 19.54 2.38 -18.44
N HIS A 64 18.92 1.21 -18.43
CA HIS A 64 17.75 0.93 -19.30
C HIS A 64 16.53 1.75 -18.89
N ARG A 65 16.42 2.04 -17.59
CA ARG A 65 15.37 2.90 -17.05
C ARG A 65 15.50 4.33 -17.54
N HIS A 66 16.73 4.85 -17.55
CA HIS A 66 17.03 6.18 -18.10
C HIS A 66 16.62 6.24 -19.58
N ALA A 67 17.06 5.25 -20.35
CA ALA A 67 16.67 5.12 -21.77
C ALA A 67 15.16 5.01 -21.94
N MET A 68 14.51 4.23 -21.08
CA MET A 68 13.06 4.07 -21.08
C MET A 68 12.34 5.40 -20.85
N ASN A 69 12.84 6.18 -19.89
CA ASN A 69 12.30 7.50 -19.56
C ASN A 69 12.47 8.55 -20.67
N GLU A 70 13.53 8.44 -21.47
CA GLU A 70 13.72 9.32 -22.63
C GLU A 70 12.70 9.04 -23.73
N LEU A 71 12.35 7.76 -23.89
CA LEU A 71 11.44 7.28 -24.96
C LEU A 71 9.98 7.12 -24.51
N GLY A 72 9.56 7.80 -23.44
CA GLY A 72 8.17 7.76 -22.97
C GLY A 72 7.64 6.38 -22.59
N GLY A 73 8.49 5.55 -21.99
CA GLY A 73 8.15 4.17 -21.65
C GLY A 73 7.05 4.02 -20.61
N LEU A 74 7.12 4.83 -19.56
CA LEU A 74 6.13 4.78 -18.48
C LEU A 74 4.72 5.10 -18.96
N GLN A 75 4.60 6.11 -19.81
CA GLN A 75 3.30 6.51 -20.38
C GLN A 75 2.72 5.38 -21.23
N ALA A 76 3.56 4.72 -22.03
CA ALA A 76 3.15 3.60 -22.88
C ALA A 76 2.73 2.35 -22.11
N ILE A 77 3.49 2.01 -21.06
CA ILE A 77 3.21 0.83 -20.22
C ILE A 77 1.94 1.04 -19.40
N ALA A 78 1.82 2.23 -18.81
CA ALA A 78 0.63 2.64 -18.07
C ALA A 78 -0.62 2.63 -18.96
N GLU A 79 -0.49 3.20 -20.16
CA GLU A 79 -1.56 3.17 -21.15
C GLU A 79 -1.96 1.74 -21.51
N LEU A 80 -0.97 0.87 -21.70
CA LEU A 80 -1.21 -0.56 -21.94
C LEU A 80 -2.03 -1.19 -20.81
N LEU A 81 -1.63 -0.94 -19.57
CA LEU A 81 -2.35 -1.47 -18.40
C LEU A 81 -3.79 -0.99 -18.38
N GLN A 82 -3.97 0.33 -18.52
CA GLN A 82 -5.29 0.96 -18.47
C GLN A 82 -6.27 0.36 -19.47
N VAL A 83 -5.84 0.29 -20.73
CA VAL A 83 -6.75 -0.09 -21.81
C VAL A 83 -7.21 -1.56 -21.70
N ASP A 84 -6.31 -2.46 -21.30
CA ASP A 84 -6.64 -3.87 -21.09
C ASP A 84 -7.66 -4.02 -19.95
N CYS A 85 -7.39 -3.34 -18.83
CA CYS A 85 -8.34 -3.27 -17.70
C CYS A 85 -9.70 -2.73 -18.13
N GLU A 86 -9.69 -1.63 -18.88
CA GLU A 86 -10.93 -1.02 -19.39
C GLU A 86 -11.70 -1.91 -20.36
N MET A 87 -10.99 -2.63 -21.23
CA MET A 87 -11.62 -3.49 -22.24
C MET A 87 -12.21 -4.76 -21.66
N TYR A 88 -11.38 -5.53 -20.97
CA TYR A 88 -11.76 -6.86 -20.49
C TYR A 88 -12.23 -6.95 -19.04
N GLY A 89 -12.16 -5.84 -18.30
CA GLY A 89 -12.63 -5.78 -16.91
C GLY A 89 -11.78 -6.62 -15.97
N LEU A 90 -12.42 -7.25 -14.99
CA LEU A 90 -11.74 -8.09 -13.99
C LEU A 90 -11.73 -9.57 -14.42
N THR A 91 -11.06 -9.84 -15.53
CA THR A 91 -11.00 -11.19 -16.11
C THR A 91 -10.01 -12.06 -15.36
N ASN A 92 -10.21 -13.37 -15.42
CA ASN A 92 -9.23 -14.35 -14.96
C ASN A 92 -8.41 -14.95 -16.12
N ASP A 93 -8.60 -14.41 -17.33
CA ASP A 93 -7.81 -14.79 -18.49
C ASP A 93 -6.33 -14.64 -18.17
N HIS A 94 -5.61 -15.75 -18.21
CA HIS A 94 -4.19 -15.79 -17.82
C HIS A 94 -3.31 -14.88 -18.65
N TYR A 95 -3.61 -14.75 -19.96
CA TYR A 95 -2.85 -13.86 -20.83
C TYR A 95 -3.02 -12.39 -20.45
N SER A 96 -4.25 -12.03 -20.06
CA SER A 96 -4.57 -10.66 -19.66
C SER A 96 -4.03 -10.37 -18.25
N ILE A 97 -4.14 -11.35 -17.35
CA ILE A 97 -3.55 -11.27 -16.01
C ILE A 97 -2.03 -11.07 -16.11
N THR A 98 -1.36 -11.93 -16.86
CA THR A 98 0.10 -11.86 -17.04
C THR A 98 0.54 -10.51 -17.60
N LEU A 99 -0.21 -10.00 -18.58
CA LEU A 99 0.06 -8.70 -19.21
C LEU A 99 0.03 -7.55 -18.18
N ARG A 100 -1.03 -7.51 -17.38
CA ARG A 100 -1.19 -6.47 -16.36
C ARG A 100 -0.11 -6.55 -15.28
N ARG A 101 0.19 -7.78 -14.86
CA ARG A 101 1.26 -8.03 -13.88
C ARG A 101 2.60 -7.50 -14.37
N TYR A 102 2.99 -7.85 -15.59
CA TYR A 102 4.27 -7.40 -16.15
C TYR A 102 4.33 -5.88 -16.39
N ALA A 103 3.21 -5.30 -16.84
CA ALA A 103 3.09 -3.85 -16.96
C ALA A 103 3.29 -3.20 -15.59
N GLY A 104 2.53 -3.67 -14.60
CA GLY A 104 2.62 -3.18 -13.22
C GLY A 104 3.97 -3.34 -12.55
N MET A 105 4.68 -4.43 -12.86
CA MET A 105 6.06 -4.62 -12.40
C MET A 105 6.98 -3.53 -12.94
N ALA A 106 6.83 -3.22 -14.24
CA ALA A 106 7.63 -2.17 -14.89
C ALA A 106 7.32 -0.78 -14.34
N LEU A 107 6.04 -0.50 -14.07
CA LEU A 107 5.65 0.78 -13.48
C LEU A 107 6.14 0.90 -12.03
N THR A 108 6.19 -0.21 -11.30
CA THR A 108 6.78 -0.25 -9.95
C THR A 108 8.27 0.13 -10.01
N ASN A 109 9.00 -0.50 -10.93
CA ASN A 109 10.42 -0.19 -11.11
C ASN A 109 10.64 1.25 -11.59
N LEU A 110 9.80 1.69 -12.53
CA LEU A 110 9.94 3.03 -13.12
C LEU A 110 9.61 4.18 -12.16
N THR A 111 8.69 3.95 -11.22
CA THR A 111 8.35 4.94 -10.19
C THR A 111 9.27 4.91 -8.96
N PHE A 112 10.11 3.88 -8.83
CA PHE A 112 11.04 3.74 -7.71
C PHE A 112 12.15 4.80 -7.77
N GLY A 113 12.19 5.66 -6.76
CA GLY A 113 13.24 6.68 -6.62
C GLY A 113 13.18 7.80 -7.64
N ASP A 114 12.02 7.95 -8.29
CA ASP A 114 11.85 8.87 -9.41
C ASP A 114 10.57 9.67 -9.18
N VAL A 115 10.71 10.86 -8.61
CA VAL A 115 9.56 11.67 -8.18
C VAL A 115 8.75 12.21 -9.38
N ALA A 116 9.43 12.47 -10.50
CA ALA A 116 8.75 12.90 -11.73
C ALA A 116 7.83 11.80 -12.28
N ASN A 117 8.34 10.59 -12.38
CA ASN A 117 7.56 9.42 -12.82
C ASN A 117 6.39 9.08 -11.89
N LYS A 118 6.56 9.30 -10.58
CA LYS A 118 5.47 9.18 -9.62
C LYS A 118 4.33 10.15 -9.95
N ALA A 119 4.71 11.39 -10.25
CA ALA A 119 3.76 12.47 -10.57
C ALA A 119 3.08 12.25 -11.91
N THR A 120 3.87 11.91 -12.92
CA THR A 120 3.36 11.60 -14.26
C THR A 120 2.29 10.51 -14.22
N LEU A 121 2.61 9.40 -13.56
CA LEU A 121 1.68 8.27 -13.45
C LEU A 121 0.42 8.64 -12.67
N CYS A 122 0.59 9.39 -11.58
CA CYS A 122 -0.55 9.89 -10.81
C CYS A 122 -1.43 10.87 -11.60
N SER A 123 -0.83 11.69 -12.46
CA SER A 123 -1.60 12.61 -13.32
C SER A 123 -2.44 11.90 -14.40
N MET A 124 -2.08 10.64 -14.74
CA MET A 124 -2.86 9.82 -15.68
C MET A 124 -4.04 9.16 -14.96
N LYS A 125 -5.09 9.95 -14.73
CA LYS A 125 -6.20 9.58 -13.83
C LYS A 125 -6.93 8.28 -14.21
N GLY A 126 -7.07 8.03 -15.51
CA GLY A 126 -7.78 6.84 -16.01
C GLY A 126 -7.03 5.56 -15.69
N CYS A 127 -5.71 5.60 -15.91
CA CYS A 127 -4.81 4.54 -15.49
C CYS A 127 -4.85 4.29 -13.97
N MET A 128 -4.89 5.37 -13.19
CA MET A 128 -4.98 5.27 -11.73
C MET A 128 -6.29 4.63 -11.26
N ARG A 129 -7.39 4.97 -11.94
CA ARG A 129 -8.69 4.32 -11.70
C ARG A 129 -8.65 2.82 -12.03
N ALA A 130 -7.95 2.47 -13.11
CA ALA A 130 -7.80 1.06 -13.50
C ALA A 130 -7.02 0.28 -12.46
N LEU A 131 -5.86 0.80 -12.05
CA LEU A 131 -5.04 0.22 -10.98
C LEU A 131 -5.87 -0.08 -9.73
N VAL A 132 -6.51 0.95 -9.20
CA VAL A 132 -7.34 0.84 -7.99
C VAL A 132 -8.39 -0.27 -8.13
N ALA A 133 -9.07 -0.29 -9.28
CA ALA A 133 -10.08 -1.31 -9.60
C ALA A 133 -9.53 -2.75 -9.61
N GLN A 134 -8.28 -2.93 -10.03
CA GLN A 134 -7.63 -4.25 -10.03
C GLN A 134 -7.38 -4.86 -8.65
N LEU A 135 -7.53 -4.07 -7.58
CA LEU A 135 -7.48 -4.62 -6.21
C LEU A 135 -8.67 -5.55 -5.89
N LYS A 136 -9.76 -5.46 -6.67
CA LYS A 136 -10.89 -6.39 -6.56
C LYS A 136 -10.76 -7.65 -7.43
N SER A 137 -9.67 -7.77 -8.20
CA SER A 137 -9.41 -8.94 -9.04
C SER A 137 -9.20 -10.20 -8.20
N GLU A 138 -9.70 -11.32 -8.69
CA GLU A 138 -9.54 -12.61 -8.01
C GLU A 138 -8.10 -13.13 -8.03
N SER A 139 -7.25 -12.59 -8.93
CA SER A 139 -5.83 -12.88 -8.93
C SER A 139 -5.10 -12.11 -7.81
N GLU A 140 -4.71 -12.82 -6.76
CA GLU A 140 -3.98 -12.21 -5.65
C GLU A 140 -2.54 -11.81 -5.99
N ASP A 141 -1.98 -12.41 -7.03
CA ASP A 141 -0.69 -11.97 -7.56
C ASP A 141 -0.82 -10.64 -8.31
N LEU A 142 -1.94 -10.43 -9.01
CA LEU A 142 -2.20 -9.13 -9.65
C LEU A 142 -2.35 -8.04 -8.59
N GLN A 143 -3.23 -8.29 -7.61
CA GLN A 143 -3.39 -7.44 -6.41
C GLN A 143 -2.04 -7.02 -5.82
N GLN A 144 -1.14 -7.99 -5.69
CA GLN A 144 0.19 -7.79 -5.13
C GLN A 144 1.04 -6.84 -5.97
N VAL A 145 0.98 -6.98 -7.30
CA VAL A 145 1.70 -6.08 -8.21
C VAL A 145 1.08 -4.68 -8.20
N ILE A 146 -0.26 -4.63 -8.14
CA ILE A 146 -0.99 -3.36 -8.11
C ILE A 146 -0.65 -2.56 -6.84
N ALA A 147 -0.65 -3.25 -5.71
CA ALA A 147 -0.27 -2.65 -4.42
C ALA A 147 1.20 -2.18 -4.41
N SER A 148 2.08 -2.93 -5.08
CA SER A 148 3.49 -2.52 -5.23
C SER A 148 3.64 -1.17 -5.94
N VAL A 149 2.82 -0.94 -6.97
CA VAL A 149 2.81 0.34 -7.70
C VAL A 149 2.38 1.46 -6.75
N LEU A 150 1.26 1.26 -6.07
CA LEU A 150 0.69 2.29 -5.18
C LEU A 150 1.57 2.58 -3.96
N ARG A 151 2.26 1.54 -3.47
CA ARG A 151 3.27 1.69 -2.42
C ARG A 151 4.37 2.68 -2.83
N ASN A 152 4.92 2.51 -4.04
CA ASN A 152 5.92 3.45 -4.57
C ASN A 152 5.33 4.83 -4.89
N LEU A 153 4.10 4.87 -5.42
CA LEU A 153 3.41 6.15 -5.68
C LEU A 153 3.08 6.93 -4.41
N SER A 154 2.86 6.22 -3.30
CA SER A 154 2.56 6.85 -2.01
C SER A 154 3.80 7.30 -1.22
N TRP A 155 4.99 6.92 -1.67
CA TRP A 155 6.25 7.28 -1.00
C TRP A 155 6.93 8.46 -1.70
N ARG A 156 7.23 9.50 -0.94
CA ARG A 156 7.78 10.76 -1.46
C ARG A 156 6.90 11.38 -2.56
N ALA A 157 5.58 11.24 -2.39
CA ALA A 157 4.61 11.80 -3.32
C ALA A 157 4.57 13.32 -3.14
N ASP A 158 4.46 14.04 -4.24
CA ASP A 158 4.18 15.48 -4.19
C ASP A 158 2.71 15.71 -3.79
N VAL A 159 2.36 16.95 -3.46
CA VAL A 159 1.02 17.23 -2.88
C VAL A 159 -0.14 16.93 -3.83
N ASN A 160 0.03 17.20 -5.12
CA ASN A 160 -0.97 16.85 -6.14
C ASN A 160 -1.17 15.33 -6.24
N SER A 161 -0.06 14.59 -6.29
CA SER A 161 -0.09 13.13 -6.33
C SER A 161 -0.76 12.54 -5.08
N LYS A 162 -0.44 13.09 -3.92
CA LYS A 162 -1.12 12.75 -2.67
C LYS A 162 -2.63 13.00 -2.78
N LYS A 163 -2.99 14.14 -3.36
CA LYS A 163 -4.39 14.52 -3.59
C LYS A 163 -5.09 13.50 -4.52
N THR A 164 -4.42 13.11 -5.60
CA THR A 164 -4.97 12.15 -6.56
C THR A 164 -5.17 10.76 -5.97
N LEU A 165 -4.16 10.23 -5.26
CA LEU A 165 -4.25 8.92 -4.58
C LEU A 165 -5.46 8.84 -3.64
N ARG A 166 -5.75 9.94 -2.95
CA ARG A 166 -6.95 10.07 -2.13
C ARG A 166 -8.21 10.08 -2.99
N GLU A 167 -8.24 10.95 -3.99
CA GLU A 167 -9.44 11.16 -4.83
C GLU A 167 -9.91 9.91 -5.58
N VAL A 168 -8.97 9.07 -6.03
CA VAL A 168 -9.29 7.80 -6.72
C VAL A 168 -9.71 6.64 -5.77
N GLY A 169 -9.74 6.88 -4.47
CA GLY A 169 -10.25 5.91 -3.50
C GLY A 169 -9.31 4.73 -3.28
N SER A 170 -8.01 5.03 -3.30
CA SER A 170 -6.98 4.00 -3.14
C SER A 170 -6.95 3.48 -1.71
N VAL A 171 -7.21 4.37 -0.74
CA VAL A 171 -7.14 4.04 0.69
C VAL A 171 -8.22 3.02 1.08
N LYS A 172 -9.46 3.35 0.76
CA LYS A 172 -10.61 2.45 0.99
C LYS A 172 -10.40 1.13 0.26
N ALA A 173 -9.97 1.20 -1.00
CA ALA A 173 -9.80 0.02 -1.84
C ALA A 173 -8.74 -0.94 -1.29
N LEU A 174 -7.60 -0.39 -0.85
CA LEU A 174 -6.53 -1.20 -0.24
C LEU A 174 -6.94 -1.84 1.08
N MET A 175 -7.69 -1.10 1.91
CA MET A 175 -8.14 -1.62 3.21
C MET A 175 -9.21 -2.71 3.04
N GLU A 176 -10.15 -2.50 2.12
CA GLU A 176 -11.15 -3.53 1.75
C GLU A 176 -10.49 -4.76 1.12
N CYS A 177 -9.47 -4.53 0.30
CA CYS A 177 -8.69 -5.61 -0.31
C CYS A 177 -8.03 -6.47 0.76
N ALA A 178 -7.30 -5.80 1.67
CA ALA A 178 -6.58 -6.45 2.78
C ALA A 178 -7.42 -7.46 3.57
N LEU A 179 -8.67 -7.09 3.85
CA LEU A 179 -9.59 -7.93 4.64
C LEU A 179 -9.89 -9.29 3.99
N GLU A 180 -9.81 -9.35 2.65
CA GLU A 180 -10.12 -10.55 1.87
C GLU A 180 -8.91 -11.37 1.36
N VAL A 181 -7.66 -10.92 1.56
CA VAL A 181 -6.51 -11.62 0.93
C VAL A 181 -6.09 -12.85 1.75
N LYS A 182 -5.77 -13.95 1.05
CA LYS A 182 -5.26 -15.19 1.64
C LYS A 182 -3.74 -15.26 1.63
N LYS A 183 -3.12 -14.96 0.48
CA LYS A 183 -1.67 -15.03 0.32
C LYS A 183 -0.95 -13.97 1.14
N GLU A 184 0.01 -14.40 1.96
CA GLU A 184 0.79 -13.52 2.82
C GLU A 184 1.52 -12.43 2.04
N SER A 185 2.16 -12.81 0.93
CA SER A 185 2.97 -11.89 0.14
C SER A 185 2.14 -10.79 -0.53
N THR A 186 0.90 -11.12 -0.91
CA THR A 186 -0.05 -10.11 -1.38
C THR A 186 -0.34 -9.11 -0.26
N LEU A 187 -0.65 -9.63 0.93
CA LEU A 187 -0.95 -8.79 2.09
C LEU A 187 0.17 -7.80 2.44
N LYS A 188 1.43 -8.25 2.30
CA LYS A 188 2.61 -7.41 2.55
C LYS A 188 2.59 -6.15 1.70
N SER A 189 2.42 -6.33 0.40
CA SER A 189 2.34 -5.21 -0.55
C SER A 189 1.18 -4.29 -0.23
N VAL A 190 0.02 -4.90 0.08
CA VAL A 190 -1.19 -4.15 0.39
C VAL A 190 -0.97 -3.28 1.63
N LEU A 191 -0.49 -3.89 2.72
CA LEU A 191 -0.23 -3.16 3.97
C LEU A 191 0.95 -2.19 3.87
N SER A 192 1.95 -2.50 3.04
CA SER A 192 3.03 -1.57 2.76
C SER A 192 2.52 -0.29 2.09
N ALA A 193 1.58 -0.45 1.16
CA ALA A 193 0.93 0.69 0.51
C ALA A 193 0.09 1.51 1.50
N LEU A 194 -0.65 0.85 2.38
CA LEU A 194 -1.50 1.51 3.39
C LEU A 194 -0.71 2.25 4.46
N TRP A 195 0.36 1.62 4.95
CA TRP A 195 1.26 2.26 5.91
C TRP A 195 1.74 3.62 5.37
N ASN A 196 2.14 3.64 4.10
CA ASN A 196 2.56 4.88 3.44
C ASN A 196 1.43 5.91 3.33
N LEU A 197 0.27 5.47 2.85
CA LEU A 197 -0.89 6.35 2.69
C LEU A 197 -1.40 6.91 4.02
N SER A 198 -1.32 6.12 5.08
CA SER A 198 -1.82 6.49 6.41
C SER A 198 -1.13 7.71 7.05
N ALA A 199 0.08 8.05 6.60
CA ALA A 199 0.81 9.22 7.10
C ALA A 199 0.55 10.54 6.33
N HIS A 200 -0.22 10.49 5.25
CA HIS A 200 -0.44 11.66 4.38
C HIS A 200 -1.31 12.76 5.00
N CYS A 201 -2.45 12.36 5.58
CA CYS A 201 -3.40 13.32 6.14
C CYS A 201 -4.43 12.64 7.04
N THR A 202 -5.15 13.46 7.82
CA THR A 202 -6.24 12.98 8.68
C THR A 202 -7.34 12.27 7.88
N GLU A 203 -7.60 12.71 6.66
CA GLU A 203 -8.66 12.14 5.82
C GLU A 203 -8.38 10.66 5.52
N ASN A 204 -7.13 10.34 5.19
CA ASN A 204 -6.70 8.95 4.94
C ASN A 204 -6.75 8.07 6.19
N LYS A 205 -6.36 8.63 7.33
CA LYS A 205 -6.44 7.93 8.61
C LYS A 205 -7.89 7.60 8.94
N ALA A 206 -8.76 8.59 8.78
CA ALA A 206 -10.20 8.44 9.02
C ALA A 206 -10.83 7.38 8.11
N ASP A 207 -10.47 7.40 6.83
CA ASP A 207 -11.00 6.42 5.87
C ASP A 207 -10.59 4.99 6.21
N ILE A 208 -9.38 4.78 6.71
CA ILE A 208 -8.93 3.45 7.16
C ILE A 208 -9.82 2.95 8.31
N CYS A 209 -10.02 3.81 9.31
CA CYS A 209 -10.85 3.47 10.47
C CYS A 209 -12.34 3.28 10.13
N ALA A 210 -12.83 4.01 9.12
CA ALA A 210 -14.23 3.93 8.70
C ALA A 210 -14.60 2.64 7.96
N VAL A 211 -13.62 1.93 7.40
CA VAL A 211 -13.89 0.64 6.74
C VAL A 211 -14.30 -0.40 7.79
N ASP A 212 -15.38 -1.12 7.50
CA ASP A 212 -15.97 -2.07 8.45
C ASP A 212 -15.06 -3.27 8.68
N GLY A 213 -14.75 -3.54 9.94
CA GLY A 213 -13.85 -4.63 10.34
C GLY A 213 -12.36 -4.33 10.24
N ALA A 214 -12.01 -3.10 9.83
CA ALA A 214 -10.63 -2.75 9.50
C ALA A 214 -9.74 -2.65 10.73
N LEU A 215 -10.22 -1.99 11.79
CA LEU A 215 -9.46 -1.88 13.04
C LEU A 215 -9.31 -3.24 13.74
N ALA A 216 -10.38 -4.02 13.79
CA ALA A 216 -10.31 -5.39 14.31
C ALA A 216 -9.31 -6.24 13.53
N PHE A 217 -9.33 -6.10 12.20
CA PHE A 217 -8.37 -6.80 11.33
C PHE A 217 -6.94 -6.36 11.63
N LEU A 218 -6.72 -5.06 11.69
CA LEU A 218 -5.39 -4.48 11.99
C LEU A 218 -4.83 -4.94 13.33
N VAL A 219 -5.69 -5.10 14.34
CA VAL A 219 -5.26 -5.62 15.64
C VAL A 219 -4.86 -7.10 15.51
N GLY A 220 -5.62 -7.86 14.71
CA GLY A 220 -5.27 -9.24 14.36
C GLY A 220 -3.90 -9.40 13.71
N THR A 221 -3.55 -8.46 12.82
CA THR A 221 -2.23 -8.47 12.16
C THR A 221 -1.05 -8.34 13.14
N LEU A 222 -1.30 -7.81 14.34
CA LEU A 222 -0.27 -7.67 15.38
C LEU A 222 0.24 -9.02 15.91
N THR A 223 -0.59 -10.07 15.81
CA THR A 223 -0.21 -11.43 16.17
C THR A 223 -0.24 -12.36 14.95
N TYR A 224 0.09 -11.82 13.78
CA TYR A 224 0.13 -12.61 12.55
C TYR A 224 1.24 -13.65 12.65
N ARG A 225 0.95 -14.85 12.15
CA ARG A 225 1.92 -15.95 12.12
C ARG A 225 2.44 -16.14 10.70
N SER A 226 3.63 -15.58 10.44
CA SER A 226 4.24 -15.60 9.12
C SER A 226 4.64 -17.01 8.68
N GLN A 227 4.49 -17.28 7.38
CA GLN A 227 5.04 -18.47 6.70
C GLN A 227 6.23 -18.10 5.82
N THR A 228 6.80 -16.89 5.99
CA THR A 228 7.90 -16.42 5.15
C THR A 228 9.12 -15.96 5.95
N ASN A 229 9.18 -16.39 7.22
CA ASN A 229 10.23 -16.01 8.16
C ASN A 229 10.50 -14.50 8.18
N THR A 230 9.43 -13.73 8.36
CA THR A 230 9.52 -12.27 8.38
C THR A 230 8.47 -11.67 9.30
N LEU A 231 8.72 -10.45 9.74
CA LEU A 231 7.79 -9.71 10.60
C LEU A 231 7.05 -8.59 9.84
N ALA A 232 7.14 -8.59 8.51
CA ALA A 232 6.58 -7.52 7.66
C ALA A 232 5.13 -7.18 7.96
N ILE A 233 4.29 -8.22 8.13
CA ILE A 233 2.86 -8.03 8.41
C ILE A 233 2.62 -7.36 9.77
N ILE A 234 3.33 -7.82 10.80
CA ILE A 234 3.22 -7.19 12.13
C ILE A 234 3.76 -5.75 12.09
N GLU A 235 4.88 -5.53 11.41
CA GLU A 235 5.47 -4.18 11.28
C GLU A 235 4.57 -3.21 10.52
N SER A 236 4.05 -3.63 9.38
CA SER A 236 3.21 -2.79 8.54
C SER A 236 1.84 -2.55 9.17
N GLY A 237 1.18 -3.61 9.61
CA GLY A 237 -0.10 -3.52 10.31
C GLY A 237 -0.05 -2.65 11.56
N GLY A 238 0.99 -2.85 12.37
CA GLY A 238 1.22 -2.05 13.58
C GLY A 238 1.61 -0.61 13.27
N GLY A 239 2.31 -0.42 12.15
CA GLY A 239 2.65 0.91 11.65
C GLY A 239 1.44 1.68 11.16
N ILE A 240 0.53 0.98 10.49
CA ILE A 240 -0.77 1.55 10.11
C ILE A 240 -1.55 1.92 11.38
N LEU A 241 -1.60 0.99 12.34
CA LEU A 241 -2.29 1.24 13.61
C LEU A 241 -1.70 2.43 14.37
N ARG A 242 -0.38 2.56 14.35
CA ARG A 242 0.31 3.68 15.01
C ARG A 242 -0.10 5.02 14.43
N ASN A 243 -0.09 5.12 13.10
CA ASN A 243 -0.44 6.36 12.42
C ASN A 243 -1.91 6.76 12.63
N VAL A 244 -2.82 5.79 12.56
CA VAL A 244 -4.25 6.04 12.79
C VAL A 244 -4.68 6.14 14.26
N SER A 245 -3.83 5.71 15.19
CA SER A 245 -4.16 5.77 16.63
C SER A 245 -4.35 7.18 17.20
N SER A 246 -3.85 8.20 16.50
CA SER A 246 -4.15 9.60 16.85
C SER A 246 -5.64 9.92 16.74
N LEU A 247 -6.32 9.35 15.75
CA LEU A 247 -7.78 9.48 15.61
C LEU A 247 -8.56 8.51 16.49
N ILE A 248 -8.07 7.28 16.63
CA ILE A 248 -8.70 6.28 17.50
C ILE A 248 -8.79 6.82 18.94
N ALA A 249 -7.74 7.52 19.38
CA ALA A 249 -7.71 8.13 20.71
C ALA A 249 -8.89 9.09 21.01
N THR A 250 -9.42 9.74 19.98
CA THR A 250 -10.57 10.64 20.13
C THR A 250 -11.93 9.92 20.12
N ASN A 251 -11.93 8.63 19.80
CA ASN A 251 -13.14 7.89 19.44
C ASN A 251 -13.32 6.68 20.37
N GLU A 252 -14.31 6.77 21.27
CA GLU A 252 -14.55 5.74 22.29
C GLU A 252 -15.01 4.41 21.69
N ASP A 253 -15.78 4.48 20.60
CA ASP A 253 -16.20 3.30 19.85
C ASP A 253 -15.01 2.54 19.27
N HIS A 254 -14.11 3.26 18.61
CA HIS A 254 -12.90 2.65 18.03
C HIS A 254 -11.94 2.13 19.10
N ARG A 255 -11.85 2.84 20.23
CA ARG A 255 -11.13 2.34 21.41
C ARG A 255 -11.69 1.01 21.88
N GLN A 256 -13.03 0.93 21.95
CA GLN A 256 -13.73 -0.28 22.40
C GLN A 256 -13.46 -1.48 21.48
N ILE A 257 -13.34 -1.23 20.17
CA ILE A 257 -12.93 -2.26 19.20
C ILE A 257 -11.54 -2.80 19.55
N LEU A 258 -10.60 -1.88 19.80
CA LEU A 258 -9.23 -2.25 20.20
C LEU A 258 -9.21 -3.07 21.50
N ARG A 259 -10.01 -2.67 22.49
CA ARG A 259 -10.09 -3.37 23.79
C ARG A 259 -10.50 -4.84 23.66
N GLU A 260 -11.56 -5.09 22.91
CA GLU A 260 -12.11 -6.45 22.75
C GLU A 260 -11.29 -7.39 21.84
N ASN A 261 -10.31 -6.84 21.13
CA ASN A 261 -9.30 -7.64 20.42
C ASN A 261 -7.95 -7.65 21.14
N ASN A 262 -7.94 -7.31 22.43
CA ASN A 262 -6.74 -7.35 23.28
C ASN A 262 -5.56 -6.57 22.69
N CYS A 263 -5.83 -5.32 22.31
CA CYS A 263 -4.84 -4.50 21.62
C CYS A 263 -3.76 -3.99 22.56
N LEU A 264 -4.16 -3.32 23.63
CA LEU A 264 -3.22 -2.70 24.58
C LEU A 264 -2.22 -3.73 25.15
N GLN A 265 -2.74 -4.90 25.52
CA GLN A 265 -1.91 -6.00 26.04
C GLN A 265 -0.95 -6.58 24.98
N THR A 266 -1.40 -6.63 23.73
CA THR A 266 -0.52 -7.00 22.60
C THR A 266 0.55 -5.93 22.34
N LEU A 267 0.17 -4.66 22.44
CA LEU A 267 1.12 -3.55 22.32
C LEU A 267 2.20 -3.58 23.42
N LEU A 268 1.85 -4.06 24.61
CA LEU A 268 2.84 -4.26 25.67
C LEU A 268 3.77 -5.44 25.38
N GLN A 269 3.23 -6.54 24.85
CA GLN A 269 4.06 -7.65 24.38
C GLN A 269 5.02 -7.22 23.26
N HIS A 270 4.54 -6.34 22.37
CA HIS A 270 5.38 -5.77 21.30
C HIS A 270 6.58 -4.95 21.76
N LEU A 271 6.56 -4.45 23.00
CA LEU A 271 7.70 -3.74 23.59
C LEU A 271 8.90 -4.66 23.86
N LYS A 272 8.67 -5.98 23.87
CA LYS A 272 9.73 -6.99 24.03
C LYS A 272 10.22 -7.62 22.71
N SER A 273 9.82 -7.08 21.57
CA SER A 273 10.15 -7.67 20.25
C SER A 273 11.61 -7.45 19.86
N HIS A 274 12.14 -8.36 19.05
CA HIS A 274 13.50 -8.21 18.49
C HIS A 274 13.54 -7.30 17.26
N SER A 275 12.37 -6.95 16.72
CA SER A 275 12.24 -5.86 15.73
C SER A 275 12.06 -4.53 16.47
N LEU A 276 12.98 -3.60 16.25
CA LEU A 276 12.86 -2.25 16.81
C LEU A 276 11.77 -1.40 16.13
N THR A 277 11.41 -1.75 14.89
CA THR A 277 10.24 -1.17 14.24
C THR A 277 8.95 -1.50 15.01
N ILE A 278 8.83 -2.75 15.47
CA ILE A 278 7.66 -3.19 16.25
C ILE A 278 7.59 -2.46 17.60
N VAL A 279 8.74 -2.37 18.27
CA VAL A 279 8.83 -1.66 19.56
C VAL A 279 8.44 -0.20 19.35
N SER A 280 9.07 0.42 18.35
CA SER A 280 8.83 1.84 18.03
C SER A 280 7.35 2.11 17.71
N ASN A 281 6.78 1.30 16.82
CA ASN A 281 5.36 1.40 16.46
C ASN A 281 4.45 1.29 17.70
N ALA A 282 4.70 0.30 18.54
CA ALA A 282 3.94 0.10 19.78
C ALA A 282 4.05 1.30 20.73
N CYS A 283 5.26 1.82 20.90
CA CYS A 283 5.48 3.02 21.72
C CYS A 283 4.68 4.23 21.19
N GLY A 284 4.59 4.36 19.87
CA GLY A 284 3.77 5.39 19.23
C GLY A 284 2.28 5.20 19.44
N THR A 285 1.81 3.95 19.34
CA THR A 285 0.41 3.63 19.57
C THR A 285 0.03 3.82 21.04
N LEU A 286 0.88 3.36 21.94
CA LEU A 286 0.65 3.56 23.39
C LEU A 286 0.66 5.04 23.78
N TRP A 287 1.54 5.84 23.18
CA TRP A 287 1.58 7.30 23.34
C TRP A 287 0.19 7.90 23.11
N ASN A 288 -0.40 7.59 21.95
CA ASN A 288 -1.72 8.10 21.58
C ASN A 288 -2.85 7.59 22.47
N LEU A 289 -2.88 6.29 22.72
CA LEU A 289 -3.98 5.66 23.47
C LEU A 289 -3.97 5.94 24.96
N SER A 290 -2.80 6.27 25.52
CA SER A 290 -2.67 6.66 26.93
C SER A 290 -3.07 8.12 27.25
N ALA A 291 -3.42 8.91 26.23
CA ALA A 291 -3.86 10.31 26.42
C ALA A 291 -5.38 10.42 26.49
N ARG A 292 -5.87 11.17 27.47
CA ARG A 292 -7.27 11.60 27.56
C ARG A 292 -8.32 10.47 27.67
N ASN A 293 -7.96 9.37 28.32
CA ASN A 293 -8.88 8.24 28.52
C ASN A 293 -8.53 7.46 29.80
N PRO A 294 -9.26 7.73 30.90
CA PRO A 294 -9.06 7.00 32.18
C PRO A 294 -9.13 5.46 32.08
N LYS A 295 -10.11 4.94 31.35
CA LYS A 295 -10.28 3.49 31.12
C LYS A 295 -8.99 2.78 30.70
N ASP A 296 -8.43 3.24 29.59
CA ASP A 296 -7.20 2.66 29.02
C ASP A 296 -5.95 3.03 29.83
N GLN A 297 -5.95 4.22 30.43
CA GLN A 297 -4.90 4.61 31.38
C GLN A 297 -4.85 3.64 32.57
N GLU A 298 -6.02 3.39 33.17
CA GLU A 298 -6.13 2.43 34.28
C GLU A 298 -5.81 1.00 33.85
N ALA A 299 -6.24 0.62 32.64
CA ALA A 299 -5.97 -0.72 32.09
C ALA A 299 -4.47 -0.96 31.88
N LEU A 300 -3.79 0.02 31.27
CA LEU A 300 -2.34 -0.04 31.08
C LEU A 300 -1.59 -0.13 32.41
N TRP A 301 -2.00 0.70 33.38
CA TRP A 301 -1.49 0.62 34.75
C TRP A 301 -1.61 -0.80 35.32
N ASP A 302 -2.80 -1.39 35.22
CA ASP A 302 -3.05 -2.75 35.73
C ASP A 302 -2.22 -3.84 35.05
N MET A 303 -1.86 -3.64 33.79
CA MET A 303 -1.04 -4.61 33.04
C MET A 303 0.48 -4.45 33.22
N GLY A 304 0.90 -3.51 34.07
CA GLY A 304 2.31 -3.28 34.35
C GLY A 304 3.02 -2.48 33.27
N ALA A 305 2.27 -1.63 32.55
CA ALA A 305 2.82 -0.81 31.46
C ALA A 305 3.86 0.21 31.94
N VAL A 306 3.67 0.74 33.15
CA VAL A 306 4.55 1.78 33.72
C VAL A 306 5.97 1.25 33.88
N SER A 307 6.09 0.05 34.46
CA SER A 307 7.38 -0.64 34.61
C SER A 307 8.01 -0.98 33.26
N MET A 308 7.18 -1.39 32.30
CA MET A 308 7.65 -1.72 30.96
C MET A 308 8.13 -0.50 30.18
N LEU A 309 7.40 0.62 30.29
CA LEU A 309 7.77 1.87 29.62
C LEU A 309 9.05 2.50 30.18
N LYS A 310 9.24 2.44 31.51
CA LYS A 310 10.47 2.88 32.19
C LYS A 310 11.74 2.30 31.54
N ASN A 311 11.73 0.99 31.28
CA ASN A 311 12.88 0.27 30.71
C ASN A 311 13.36 0.79 29.33
N LEU A 312 12.48 1.49 28.60
CA LEU A 312 12.79 1.99 27.26
C LEU A 312 13.02 3.51 27.16
N ILE A 313 12.82 4.27 28.24
CA ILE A 313 12.96 5.75 28.16
C ILE A 313 14.40 6.23 27.91
N HIS A 314 15.38 5.44 28.37
CA HIS A 314 16.80 5.72 28.10
C HIS A 314 17.34 4.95 26.89
N SER A 315 16.45 4.52 25.99
CA SER A 315 16.84 3.80 24.77
C SER A 315 17.69 4.67 23.86
N LYS A 316 18.62 4.03 23.15
CA LYS A 316 19.48 4.72 22.20
C LYS A 316 18.74 5.03 20.90
N HIS A 317 17.68 4.28 20.58
CA HIS A 317 16.78 4.64 19.48
C HIS A 317 15.85 5.76 19.93
N LYS A 318 15.69 6.76 19.06
CA LYS A 318 15.12 8.05 19.44
C LYS A 318 13.59 8.02 19.59
N MET A 319 12.92 7.39 18.64
CA MET A 319 11.45 7.27 18.69
C MET A 319 10.96 6.28 19.76
N ILE A 320 11.77 5.28 20.10
CA ILE A 320 11.50 4.42 21.26
C ILE A 320 11.66 5.20 22.57
N ALA A 321 12.75 5.96 22.68
CA ALA A 321 12.98 6.82 23.85
C ALA A 321 11.87 7.86 24.01
N MET A 322 11.57 8.56 22.93
CA MET A 322 10.51 9.60 22.92
C MET A 322 9.12 8.99 23.15
N GLY A 323 8.84 7.86 22.50
CA GLY A 323 7.52 7.24 22.53
C GLY A 323 7.17 6.65 23.88
N SER A 324 8.12 5.92 24.47
CA SER A 324 7.91 5.33 25.81
C SER A 324 7.81 6.40 26.89
N ALA A 325 8.65 7.44 26.79
CA ALA A 325 8.66 8.54 27.77
C ALA A 325 7.37 9.35 27.79
N ALA A 326 6.86 9.70 26.62
CA ALA A 326 5.62 10.48 26.49
C ALA A 326 4.39 9.70 26.98
N ALA A 327 4.36 8.40 26.67
CA ALA A 327 3.35 7.49 27.20
C ALA A 327 3.50 7.29 28.71
N LEU A 328 4.75 7.24 29.19
CA LEU A 328 5.05 7.16 30.62
C LEU A 328 4.56 8.40 31.38
N ARG A 329 4.86 9.59 30.87
CA ARG A 329 4.36 10.84 31.47
C ARG A 329 2.84 10.80 31.64
N ASN A 330 2.14 10.42 30.58
CA ASN A 330 0.67 10.32 30.59
C ASN A 330 0.15 9.39 31.69
N LEU A 331 0.76 8.21 31.83
CA LEU A 331 0.36 7.28 32.88
C LEU A 331 0.77 7.77 34.27
N MET A 332 1.97 8.35 34.41
CA MET A 332 2.41 8.94 35.68
C MET A 332 1.53 10.11 36.11
N ALA A 333 1.17 10.97 35.16
CA ALA A 333 0.31 12.12 35.42
C ALA A 333 -1.17 11.79 35.64
N ASN A 334 -1.57 10.53 35.40
CA ASN A 334 -2.93 10.05 35.64
C ASN A 334 -2.90 8.75 36.44
N ARG A 335 -2.24 8.79 37.61
CA ARG A 335 -2.14 7.64 38.49
C ARG A 335 -3.53 7.33 39.08
N PRO A 336 -4.06 6.11 38.85
CA PRO A 336 -5.38 5.78 39.43
C PRO A 336 -5.38 5.77 40.96
N ALA A 337 -6.49 6.22 41.54
CA ALA A 337 -6.63 6.38 43.01
C ALA A 337 -6.24 5.14 43.83
N LYS A 338 -6.60 3.96 43.33
CA LYS A 338 -6.25 2.69 44.00
C LYS A 338 -4.74 2.36 44.03
N TYR A 339 -3.94 3.06 43.22
CA TYR A 339 -2.47 3.04 43.34
C TYR A 339 -1.93 4.24 44.16
N LYS A 340 -2.74 4.75 45.08
CA LYS A 340 -2.34 5.75 46.06
C LYS A 340 -3.01 5.40 47.39
N ASP A 341 -2.39 4.46 48.11
CA ASP A 341 -2.91 3.96 49.39
C ASP A 341 -1.75 3.53 50.30
C8 ANN B 1 4.88 7.59 10.24
O3 ANN B 1 4.67 7.30 8.86
C5 ANN B 1 5.25 6.23 8.22
C6 ANN B 1 6.43 5.64 8.66
C7 ANN B 1 6.98 4.55 7.97
C2 ANN B 1 6.37 4.03 6.83
C3 ANN B 1 5.18 4.64 6.40
C4 ANN B 1 4.63 5.73 7.09
C1 ANN B 1 7.00 2.85 6.11
O2 ANN B 1 8.00 2.36 6.60
N ALA B 2 6.47 2.34 4.98
CA ALA B 2 7.01 1.16 4.30
C ALA B 2 8.15 1.45 3.33
N GLY B 3 8.40 2.73 3.03
CA GLY B 3 9.46 3.11 2.08
C GLY B 3 9.04 2.85 0.65
N GLU B 4 10.02 2.67 -0.23
CA GLU B 4 9.79 2.25 -1.62
C GLU B 4 10.75 1.13 -2.01
N SER B 5 10.47 0.45 -3.12
CA SER B 5 11.28 -0.70 -3.55
C SER B 5 11.12 -1.04 -5.04
N LEU B 6 12.16 -1.65 -5.61
CA LEU B 6 12.06 -2.36 -6.89
C LEU B 6 11.06 -3.50 -6.72
N TYR B 7 10.48 -3.98 -7.81
CA TYR B 7 9.48 -5.04 -7.70
C TYR B 7 10.11 -6.34 -7.15
N GLU B 8 9.34 -7.04 -6.32
CA GLU B 8 9.74 -8.28 -5.68
C GLU B 8 8.55 -9.19 -5.45
N NH2 B 9 7.38 -8.65 -4.85
C1 GOL C . 18.27 13.14 18.88
O1 GOL C . 17.58 13.35 20.11
C2 GOL C . 17.37 13.47 17.70
O2 GOL C . 16.72 14.74 17.92
C3 GOL C . 18.21 13.54 16.43
O3 GOL C . 17.40 13.95 15.33
C1 GOL D . 5.71 8.83 -28.75
O1 GOL D . 6.52 7.72 -29.14
C2 GOL D . 5.93 9.25 -27.30
O2 GOL D . 4.80 8.80 -26.53
C3 GOL D . 7.22 8.72 -26.69
O3 GOL D . 8.34 8.91 -27.56
C1 GOL E . 8.57 -5.40 -2.02
O1 GOL E . 8.26 -5.20 -0.63
C2 GOL E . 7.75 -4.41 -2.86
O2 GOL E . 6.35 -4.60 -2.57
C3 GOL E . 8.04 -4.59 -4.34
O3 GOL E . 6.94 -5.17 -5.06
S SO4 F . -3.61 -16.05 -7.50
O1 SO4 F . -2.58 -15.01 -7.42
O2 SO4 F . -3.01 -17.37 -7.21
O3 SO4 F . -4.19 -16.06 -8.86
O4 SO4 F . -4.69 -15.75 -6.52
S SO4 G . 5.53 -15.42 -13.54
O1 SO4 G . 5.71 -13.95 -13.55
O2 SO4 G . 6.01 -15.99 -14.81
O3 SO4 G . 4.09 -15.73 -13.36
O4 SO4 G . 6.31 -15.97 -12.40
C1 PEG H . 19.02 0.60 24.65
O1 PEG H . 19.62 1.53 23.72
C2 PEG H . 18.04 -0.31 23.91
O2 PEG H . 16.97 0.41 23.32
C3 PEG H . 16.20 -0.36 22.39
C4 PEG H . 15.23 -1.31 23.11
O4 PEG H . 15.49 -2.68 22.79
C1 GOL I . 3.83 -12.96 -5.78
O1 GOL I . 3.82 -13.00 -7.21
C2 GOL I . 5.25 -13.11 -5.21
O2 GOL I . 6.19 -13.45 -6.24
C3 GOL I . 5.66 -11.81 -4.54
O3 GOL I . 7.02 -11.87 -4.10
C1 GOL J . 9.66 7.79 7.49
O1 GOL J . 9.15 6.46 7.38
C2 GOL J . 10.56 7.85 8.71
O2 GOL J . 11.68 6.98 8.54
C3 GOL J . 11.02 9.29 8.87
O3 GOL J . 12.22 9.37 9.65
C1 PEG K . 15.03 0.00 6.68
O1 PEG K . 14.15 -0.96 7.29
C2 PEG K . 15.89 -0.70 5.64
O2 PEG K . 16.14 0.18 4.55
C3 PEG K . 17.32 -0.15 3.79
C4 PEG K . 18.52 0.60 4.35
O4 PEG K . 19.73 0.09 3.76
#